data_6JNR
#
_entry.id   6JNR
#
_cell.length_a   64.390
_cell.length_b   64.390
_cell.length_c   111.168
_cell.angle_alpha   90.00
_cell.angle_beta   90.00
_cell.angle_gamma   90.00
#
_symmetry.space_group_name_H-M   'P 43'
#
loop_
_entity.id
_entity.type
_entity.pdbx_description
1 polymer 'Retinoic acid receptor RXR-alpha'
2 polymer HIS-LYS-ILE-LEU-HIS-ARG-LEU-LEU-GLN
3 non-polymer '7-oxidanyl-2-oxidanylidene-6-(3,5,5,8,8-pentamethyl-6,7-dihydronaphthalen-2-yl)chromene-3-carboxylic acid'
4 water water
#
loop_
_entity_poly.entity_id
_entity_poly.type
_entity_poly.pdbx_seq_one_letter_code
_entity_poly.pdbx_strand_id
1 'polypeptide(L)'
;GSSHSSANEDMPVERILEAELAVEPKTETYVEANMGLNPSSPNDPVTNICQAADKQLFTLVEWAKRIPHFSELPLDDQVI
LLRAGWNELLIASFSHRSIAVKDGILLATGLHVHRNSAHSAGVGAIFDRVLTELVSKMRDMQMDKTELGCLRAIVLFNPD
SKGLSNPAEVEALREKVYASLEAYCKHKYPEQPGRFAKLLLRLPALRSIGLKCLEHLFFFKLIGDTPIDTFLMEMLEAPH
QMT
;
A,B
2 'polypeptide(L)' HKILHRLLQEGS C,D
#
# COMPACT_ATOMS: atom_id res chain seq x y z
N ASP A 10 -12.42 -23.79 -3.70
CA ASP A 10 -13.56 -22.93 -3.22
C ASP A 10 -13.10 -22.16 -1.96
N MET A 11 -13.65 -20.99 -1.66
CA MET A 11 -13.20 -20.11 -0.57
C MET A 11 -14.41 -19.48 0.14
N PRO A 12 -15.04 -20.22 1.05
CA PRO A 12 -16.28 -19.73 1.66
C PRO A 12 -15.98 -18.73 2.78
N VAL A 13 -16.71 -17.62 2.71
CA VAL A 13 -16.55 -16.59 3.71
C VAL A 13 -16.92 -17.10 5.10
N GLU A 14 -17.77 -18.12 5.19
CA GLU A 14 -18.22 -18.58 6.51
C GLU A 14 -17.02 -19.19 7.21
N ARG A 15 -16.12 -19.81 6.45
CA ARG A 15 -14.90 -20.38 7.02
C ARG A 15 -13.89 -19.35 7.51
N ILE A 16 -13.72 -18.28 6.73
CA ILE A 16 -12.85 -17.16 7.10
C ILE A 16 -13.35 -16.49 8.38
N LEU A 17 -14.66 -16.27 8.42
CA LEU A 17 -15.31 -15.76 9.62
C LEU A 17 -15.04 -16.58 10.89
N GLU A 18 -15.21 -17.90 10.77
CA GLU A 18 -14.91 -18.80 11.89
C GLU A 18 -13.44 -18.70 12.29
N ALA A 19 -12.54 -18.50 11.33
CA ALA A 19 -11.14 -18.25 11.65
C ALA A 19 -10.98 -17.07 12.61
N GLU A 20 -11.62 -15.96 12.21
CA GLU A 20 -11.69 -14.79 13.06
C GLU A 20 -12.24 -15.09 14.44
N LEU A 21 -13.38 -15.77 14.51
CA LEU A 21 -14.04 -15.91 15.81
C LEU A 21 -13.24 -16.88 16.64
N ALA A 22 -12.60 -17.81 15.96
CA ALA A 22 -11.85 -18.83 16.68
C ALA A 22 -10.67 -18.24 17.46
N VAL A 23 -10.04 -17.16 17.00
CA VAL A 23 -8.84 -16.69 17.70
C VAL A 23 -8.97 -15.47 18.62
N GLU A 24 -10.11 -14.78 18.63
CA GLU A 24 -10.35 -13.67 19.57
C GLU A 24 -10.04 -13.99 21.03
N PRO A 25 -9.50 -12.97 21.71
CA PRO A 25 -9.22 -13.07 23.14
C PRO A 25 -10.42 -12.87 24.07
N ASN A 43 5.37 1.94 33.43
CA ASN A 43 4.57 2.50 32.34
C ASN A 43 5.37 3.11 31.19
N ASP A 44 6.01 2.24 30.41
CA ASP A 44 6.26 2.56 29.01
C ASP A 44 5.11 1.84 28.30
N PRO A 45 4.19 2.60 27.71
CA PRO A 45 3.07 2.04 26.94
C PRO A 45 3.62 1.18 25.81
N VAL A 46 4.80 1.53 25.31
CA VAL A 46 5.45 0.76 24.25
C VAL A 46 5.81 -0.68 24.63
N THR A 47 6.23 -0.90 25.86
CA THR A 47 6.66 -2.26 26.15
C THR A 47 5.37 -3.10 26.25
N ASN A 48 4.29 -2.54 26.77
CA ASN A 48 3.00 -3.21 26.72
C ASN A 48 2.59 -3.46 25.28
N ILE A 49 2.75 -2.48 24.42
CA ILE A 49 2.32 -2.68 23.06
C ILE A 49 3.07 -3.84 22.42
N CYS A 50 4.38 -3.94 22.70
CA CYS A 50 5.28 -4.91 22.12
C CYS A 50 5.03 -6.28 22.71
N GLN A 51 4.62 -6.36 23.97
CA GLN A 51 4.25 -7.65 24.58
C GLN A 51 3.00 -8.24 23.93
N ALA A 52 1.98 -7.40 23.75
CA ALA A 52 0.78 -7.76 23.01
C ALA A 52 1.12 -8.31 21.62
N ALA A 53 2.12 -7.74 20.95
CA ALA A 53 2.36 -8.12 19.57
C ALA A 53 2.93 -9.53 19.62
N ASP A 54 3.87 -9.77 20.53
CA ASP A 54 4.54 -11.07 20.60
C ASP A 54 3.53 -12.17 20.89
N LYS A 55 2.60 -11.88 21.80
CA LYS A 55 1.57 -12.80 22.19
C LYS A 55 0.68 -13.17 21.00
N GLN A 56 0.38 -12.19 20.17
CA GLN A 56 -0.61 -12.41 19.15
C GLN A 56 0.07 -12.98 17.94
N LEU A 57 1.39 -12.89 17.84
CA LEU A 57 2.05 -13.69 16.83
C LEU A 57 1.78 -15.19 16.95
N PHE A 58 1.64 -15.73 18.15
CA PHE A 58 1.26 -17.14 18.31
C PHE A 58 -0.16 -17.42 17.81
N THR A 59 -1.02 -16.45 18.04
CA THR A 59 -2.42 -16.67 17.67
C THR A 59 -2.63 -16.48 16.18
N LEU A 60 -1.77 -15.64 15.61
CA LEU A 60 -1.76 -15.49 14.17
C LEU A 60 -1.48 -16.81 13.44
N VAL A 61 -0.59 -17.62 13.97
CA VAL A 61 -0.33 -18.94 13.39
C VAL A 61 -1.59 -19.76 13.43
N GLU A 62 -2.25 -19.81 14.58
CA GLU A 62 -3.51 -20.54 14.68
C GLU A 62 -4.53 -20.04 13.67
N TRP A 63 -4.60 -18.73 13.47
CA TRP A 63 -5.60 -18.10 12.60
C TRP A 63 -5.32 -18.55 11.18
N ALA A 64 -4.05 -18.46 10.80
CA ALA A 64 -3.68 -18.75 9.41
C ALA A 64 -4.03 -20.17 9.00
N LYS A 65 -3.73 -21.13 9.88
CA LYS A 65 -4.09 -22.56 9.67
C LYS A 65 -5.57 -22.90 9.41
N ARG A 66 -6.46 -22.05 9.91
CA ARG A 66 -7.90 -22.13 9.69
C ARG A 66 -8.42 -21.44 8.42
N ILE A 67 -7.54 -20.75 7.69
CA ILE A 67 -7.90 -20.13 6.44
C ILE A 67 -7.79 -21.22 5.38
N PRO A 68 -8.81 -21.35 4.52
CA PRO A 68 -8.75 -22.49 3.62
C PRO A 68 -7.57 -22.46 2.66
N HIS A 69 -7.02 -23.65 2.50
CA HIS A 69 -5.90 -23.97 1.64
C HIS A 69 -4.52 -23.46 2.09
N PHE A 70 -4.45 -22.68 3.15
CA PHE A 70 -3.14 -22.19 3.58
C PHE A 70 -2.22 -23.30 4.05
N SER A 71 -2.85 -24.18 4.83
CA SER A 71 -2.09 -25.27 5.43
C SER A 71 -1.68 -26.28 4.39
N GLU A 72 -2.31 -26.26 3.23
CA GLU A 72 -1.93 -27.13 2.10
C GLU A 72 -0.73 -26.64 1.30
N LEU A 73 -0.38 -25.38 1.46
CA LEU A 73 0.77 -24.88 0.72
C LEU A 73 2.05 -25.49 1.29
N PRO A 74 3.12 -25.49 0.50
CA PRO A 74 4.39 -25.95 1.05
C PRO A 74 4.76 -25.16 2.30
N LEU A 75 5.28 -25.85 3.30
CA LEU A 75 5.69 -25.23 4.53
C LEU A 75 6.55 -23.98 4.29
N ASP A 76 7.50 -24.03 3.37
CA ASP A 76 8.39 -22.88 3.20
C ASP A 76 7.58 -21.66 2.79
N ASP A 77 6.55 -21.87 1.96
CA ASP A 77 5.74 -20.76 1.49
C ASP A 77 4.87 -20.20 2.62
N GLN A 78 4.36 -21.07 3.46
CA GLN A 78 3.61 -20.71 4.64
C GLN A 78 4.44 -19.77 5.48
N VAL A 79 5.69 -20.14 5.69
CA VAL A 79 6.67 -19.30 6.39
C VAL A 79 6.85 -17.96 5.71
N ILE A 80 6.99 -17.93 4.40
CA ILE A 80 7.21 -16.67 3.68
C ILE A 80 6.04 -15.70 3.77
N LEU A 81 4.83 -16.24 3.65
CA LEU A 81 3.63 -15.44 3.69
C LEU A 81 3.44 -14.83 5.07
N LEU A 82 3.76 -15.60 6.10
CA LEU A 82 3.57 -15.10 7.46
C LEU A 82 4.63 -14.07 7.84
N ARG A 83 5.89 -14.36 7.48
CA ARG A 83 6.96 -13.40 7.72
C ARG A 83 6.79 -12.05 6.97
N ALA A 84 6.29 -12.11 5.75
CA ALA A 84 5.94 -10.90 5.00
C ALA A 84 4.67 -10.23 5.51
N GLY A 85 3.62 -10.97 5.85
CA GLY A 85 2.39 -10.33 6.28
C GLY A 85 2.02 -10.03 7.72
N TRP A 86 2.74 -10.61 8.68
CA TRP A 86 2.34 -10.60 10.10
C TRP A 86 1.99 -9.22 10.63
N ASN A 87 2.83 -8.24 10.32
CA ASN A 87 2.53 -6.96 10.91
C ASN A 87 1.24 -6.32 10.42
N GLU A 88 1.06 -6.37 9.09
CA GLU A 88 -0.17 -5.96 8.48
C GLU A 88 -1.31 -6.80 9.04
N LEU A 89 -1.15 -8.12 9.21
CA LEU A 89 -2.23 -8.98 9.56
C LEU A 89 -2.67 -8.61 10.96
N LEU A 90 -1.68 -8.33 11.79
CA LEU A 90 -2.00 -8.07 13.18
C LEU A 90 -2.36 -6.62 13.44
N ILE A 91 -1.80 -5.69 12.66
CA ILE A 91 -2.32 -4.33 12.78
C ILE A 91 -3.78 -4.24 12.35
N ALA A 92 -4.15 -4.95 11.30
CA ALA A 92 -5.58 -4.98 10.95
C ALA A 92 -6.44 -5.48 12.10
N SER A 93 -6.00 -6.51 12.82
CA SER A 93 -6.81 -7.14 13.86
C SER A 93 -7.05 -6.20 15.03
N PHE A 94 -6.01 -5.65 15.65
CA PHE A 94 -6.22 -4.82 16.82
C PHE A 94 -6.92 -3.52 16.45
N SER A 95 -6.69 -3.01 15.24
CA SER A 95 -7.44 -1.85 14.77
C SER A 95 -8.93 -2.15 14.72
N HIS A 96 -9.33 -3.30 14.20
CA HIS A 96 -10.76 -3.59 14.09
C HIS A 96 -11.38 -3.76 15.48
N ARG A 97 -10.70 -4.49 16.36
CA ARG A 97 -11.07 -4.51 17.76
C ARG A 97 -11.27 -3.14 18.42
N SER A 98 -10.52 -2.14 17.98
CA SER A 98 -10.53 -0.83 18.64
C SER A 98 -11.64 0.15 18.16
N ILE A 99 -12.50 -0.28 17.24
CA ILE A 99 -13.56 0.56 16.68
C ILE A 99 -14.42 1.30 17.72
N ALA A 100 -14.67 0.67 18.84
CA ALA A 100 -15.53 1.28 19.85
C ALA A 100 -14.72 2.01 20.92
N VAL A 101 -13.41 2.14 20.73
CA VAL A 101 -12.53 2.85 21.65
C VAL A 101 -12.44 4.27 21.11
N LYS A 102 -12.61 5.23 21.99
CA LYS A 102 -12.38 6.63 21.65
C LYS A 102 -10.88 6.94 21.75
N ASP A 103 -10.34 7.45 20.65
CA ASP A 103 -8.96 7.90 20.51
C ASP A 103 -7.91 6.97 21.12
N GLY A 104 -8.06 5.67 20.86
CA GLY A 104 -7.08 4.74 21.40
C GLY A 104 -7.31 3.38 20.76
N ILE A 105 -6.53 2.44 21.31
CA ILE A 105 -6.52 1.07 20.84
C ILE A 105 -6.67 0.14 22.04
N LEU A 106 -7.30 -1.02 21.73
CA LEU A 106 -7.54 -2.07 22.70
C LEU A 106 -6.62 -3.24 22.37
N LEU A 107 -5.65 -3.53 23.25
CA LEU A 107 -4.68 -4.59 23.02
C LEU A 107 -5.30 -5.94 23.42
N ALA A 108 -4.83 -7.03 22.84
CA ALA A 108 -5.33 -8.38 23.15
C ALA A 108 -5.15 -8.79 24.62
N THR A 109 -4.22 -8.16 25.32
CA THR A 109 -4.10 -8.22 26.76
C THR A 109 -5.29 -7.69 27.56
N GLY A 110 -6.22 -6.95 26.95
CA GLY A 110 -7.21 -6.18 27.72
C GLY A 110 -6.86 -4.73 28.00
N LEU A 111 -5.59 -4.35 27.91
CA LEU A 111 -5.22 -2.95 28.09
C LEU A 111 -5.67 -2.01 26.97
N HIS A 112 -6.37 -0.93 27.33
CA HIS A 112 -6.65 0.18 26.44
C HIS A 112 -5.48 1.16 26.46
N VAL A 113 -5.00 1.52 25.27
CA VAL A 113 -3.93 2.50 25.20
C VAL A 113 -4.49 3.73 24.53
N HIS A 114 -4.52 4.83 25.27
CA HIS A 114 -4.95 6.11 24.72
C HIS A 114 -3.86 6.84 23.91
N ARG A 115 -4.36 7.56 22.90
CA ARG A 115 -3.59 8.50 22.10
C ARG A 115 -2.57 9.37 22.89
N ASN A 116 -2.98 9.87 24.05
CA ASN A 116 -2.16 10.78 24.85
C ASN A 116 -0.98 10.05 25.45
N SER A 117 -1.17 8.78 25.75
CA SER A 117 -0.09 8.01 26.32
C SER A 117 0.86 7.63 25.16
N ALA A 118 0.42 7.37 23.93
CA ALA A 118 1.36 7.09 22.82
C ALA A 118 2.23 8.30 22.49
N HIS A 119 1.56 9.45 22.47
CA HIS A 119 2.22 10.72 22.29
C HIS A 119 3.23 10.96 23.39
N SER A 120 2.84 10.74 24.64
CA SER A 120 3.74 10.97 25.76
C SER A 120 4.97 10.06 25.76
N ALA A 121 4.84 8.91 25.11
CA ALA A 121 5.95 7.99 24.89
C ALA A 121 6.74 8.13 23.60
N GLY A 122 6.50 9.15 22.81
CA GLY A 122 7.29 9.42 21.62
C GLY A 122 6.89 8.70 20.33
N VAL A 123 5.66 8.20 20.26
CA VAL A 123 5.20 7.55 19.04
C VAL A 123 3.80 7.97 18.65
N GLY A 124 3.47 9.21 18.99
CA GLY A 124 2.17 9.83 18.75
C GLY A 124 1.81 9.86 17.28
N ALA A 125 2.75 10.18 16.39
CA ALA A 125 2.44 10.33 14.96
C ALA A 125 2.03 9.03 14.31
N ILE A 126 2.81 7.97 14.48
CA ILE A 126 2.38 6.65 13.99
C ILE A 126 1.05 6.09 14.56
N PHE A 127 0.87 6.37 15.83
CA PHE A 127 -0.36 5.97 16.51
C PHE A 127 -1.59 6.68 15.95
N ASP A 128 -1.46 7.98 15.70
CA ASP A 128 -2.55 8.72 15.08
C ASP A 128 -2.90 8.22 13.68
N ARG A 129 -1.91 7.73 12.94
CA ARG A 129 -2.21 7.24 11.58
C ARG A 129 -3.02 5.95 11.65
N VAL A 130 -2.71 5.05 12.59
CA VAL A 130 -3.57 3.91 12.88
C VAL A 130 -5.00 4.32 13.18
N LEU A 131 -5.15 5.22 14.14
CA LEU A 131 -6.43 5.85 14.40
C LEU A 131 -7.15 6.39 13.18
N THR A 132 -6.49 7.25 12.42
CA THR A 132 -7.24 8.07 11.47
C THR A 132 -7.41 7.28 10.18
N GLU A 133 -6.40 6.54 9.79
CA GLU A 133 -6.45 5.78 8.52
C GLU A 133 -7.06 4.39 8.58
N LEU A 134 -7.10 3.81 9.78
CA LEU A 134 -7.58 2.45 9.99
C LEU A 134 -8.77 2.39 10.95
N VAL A 135 -8.57 2.55 12.25
CA VAL A 135 -9.63 2.34 13.23
C VAL A 135 -10.89 3.12 12.88
N SER A 136 -10.70 4.41 12.65
CA SER A 136 -11.81 5.34 12.44
C SER A 136 -12.50 5.04 11.12
N LYS A 137 -11.80 4.58 10.10
CA LYS A 137 -12.43 4.28 8.82
C LYS A 137 -13.18 2.94 8.93
N MET A 138 -12.64 2.03 9.73
CA MET A 138 -13.33 0.79 10.03
C MET A 138 -14.62 1.13 10.74
N ARG A 139 -14.58 2.07 11.68
CA ARG A 139 -15.74 2.47 12.45
C ARG A 139 -16.75 3.15 11.57
N ASP A 140 -16.31 4.12 10.77
CA ASP A 140 -17.29 4.86 10.01
C ASP A 140 -18.10 3.99 9.04
N MET A 141 -17.46 2.97 8.47
CA MET A 141 -18.13 2.12 7.49
C MET A 141 -18.80 0.91 8.17
N GLN A 142 -18.60 0.77 9.48
CA GLN A 142 -18.90 -0.43 10.25
C GLN A 142 -18.43 -1.71 9.53
N MET A 143 -17.14 -1.77 9.19
CA MET A 143 -16.54 -2.99 8.67
C MET A 143 -16.89 -4.14 9.60
N ASP A 144 -17.42 -5.23 9.04
CA ASP A 144 -17.84 -6.40 9.83
C ASP A 144 -16.70 -7.42 9.83
N LYS A 145 -16.86 -8.42 10.69
CA LYS A 145 -15.83 -9.41 10.97
C LYS A 145 -15.51 -10.34 9.82
N THR A 146 -16.45 -10.53 8.91
CA THR A 146 -16.27 -11.36 7.75
C THR A 146 -15.39 -10.50 6.85
N GLU A 147 -15.76 -9.24 6.77
CA GLU A 147 -15.02 -8.33 5.90
C GLU A 147 -13.54 -8.17 6.29
N LEU A 148 -13.30 -8.04 7.60
CA LEU A 148 -11.98 -8.01 8.16
C LEU A 148 -11.25 -9.27 7.74
N GLY A 149 -11.86 -10.40 8.10
CA GLY A 149 -11.24 -11.67 7.82
C GLY A 149 -10.85 -11.79 6.36
N CYS A 150 -11.77 -11.45 5.46
CA CYS A 150 -11.39 -11.44 4.03
C CYS A 150 -10.22 -10.54 3.68
N LEU A 151 -10.21 -9.32 4.23
CA LEU A 151 -9.10 -8.38 4.05
C LEU A 151 -7.81 -9.05 4.48
N ARG A 152 -7.90 -9.73 5.61
CA ARG A 152 -6.68 -10.30 6.16
C ARG A 152 -6.22 -11.53 5.43
N ALA A 153 -7.17 -12.38 5.01
CA ALA A 153 -6.87 -13.41 4.03
C ALA A 153 -6.20 -12.86 2.77
N ILE A 154 -6.72 -11.74 2.27
CA ILE A 154 -6.11 -11.14 1.08
C ILE A 154 -4.66 -10.79 1.35
N VAL A 155 -4.38 -10.25 2.53
CA VAL A 155 -3.01 -9.89 2.88
C VAL A 155 -2.08 -11.10 2.99
N LEU A 156 -2.61 -12.13 3.61
CA LEU A 156 -1.91 -13.40 3.90
C LEU A 156 -1.52 -13.99 2.56
N PHE A 157 -2.45 -14.04 1.62
CA PHE A 157 -2.15 -14.55 0.29
C PHE A 157 -1.55 -13.51 -0.63
N ASN A 158 -0.34 -13.11 -0.24
CA ASN A 158 0.34 -12.06 -0.98
C ASN A 158 1.34 -12.59 -2.00
N PRO A 159 0.99 -12.56 -3.30
CA PRO A 159 1.77 -13.31 -4.26
C PRO A 159 3.04 -12.60 -4.67
N ASP A 160 3.25 -11.37 -4.20
CA ASP A 160 4.45 -10.61 -4.43
C ASP A 160 5.52 -10.98 -3.41
N SER A 161 5.14 -11.76 -2.41
CA SER A 161 6.08 -12.13 -1.36
C SER A 161 7.27 -12.86 -2.00
N LYS A 162 8.48 -12.43 -1.72
CA LYS A 162 9.64 -13.05 -2.36
C LYS A 162 9.95 -14.47 -1.88
N GLY A 163 10.38 -15.32 -2.81
CA GLY A 163 10.89 -16.67 -2.56
C GLY A 163 9.77 -17.69 -2.69
N LEU A 164 8.53 -17.27 -2.88
CA LEU A 164 7.45 -18.27 -3.01
C LEU A 164 7.82 -19.32 -4.03
N SER A 165 7.67 -20.60 -3.66
CA SER A 165 7.89 -21.65 -4.65
C SER A 165 6.91 -21.51 -5.81
N ASN A 166 5.65 -21.13 -5.60
CA ASN A 166 4.71 -20.90 -6.71
C ASN A 166 3.75 -19.73 -6.54
N PRO A 167 4.13 -18.55 -7.03
CA PRO A 167 3.36 -17.32 -6.87
C PRO A 167 1.92 -17.31 -7.40
N ALA A 168 1.79 -17.98 -8.54
CA ALA A 168 0.54 -18.16 -9.24
C ALA A 168 -0.56 -18.74 -8.35
N GLU A 169 -0.15 -19.73 -7.57
CA GLU A 169 -1.10 -20.43 -6.69
C GLU A 169 -1.60 -19.52 -5.57
N VAL A 170 -0.68 -18.73 -5.04
CA VAL A 170 -1.05 -17.85 -3.94
C VAL A 170 -1.95 -16.77 -4.54
N GLU A 171 -1.57 -16.23 -5.69
CA GLU A 171 -2.39 -15.30 -6.44
C GLU A 171 -3.81 -15.83 -6.62
N ALA A 172 -3.93 -17.12 -6.94
CA ALA A 172 -5.23 -17.77 -7.20
C ALA A 172 -6.04 -17.87 -5.92
N LEU A 173 -5.35 -18.14 -4.82
CA LEU A 173 -6.07 -18.15 -3.53
C LEU A 173 -6.57 -16.76 -3.19
N ARG A 174 -5.71 -15.78 -3.43
CA ARG A 174 -6.14 -14.37 -3.33
C ARG A 174 -7.36 -14.03 -4.19
N GLU A 175 -7.34 -14.42 -5.47
CA GLU A 175 -8.47 -14.17 -6.37
C GLU A 175 -9.75 -14.77 -5.80
N LYS A 176 -9.70 -16.02 -5.35
CA LYS A 176 -10.89 -16.59 -4.71
C LYS A 176 -11.40 -15.88 -3.43
N VAL A 177 -10.48 -15.42 -2.60
CA VAL A 177 -10.89 -14.59 -1.46
C VAL A 177 -11.59 -13.32 -1.90
N TYR A 178 -10.96 -12.58 -2.80
CA TYR A 178 -11.64 -11.34 -3.19
C TYR A 178 -12.92 -11.50 -4.01
N ALA A 179 -13.06 -12.63 -4.70
CA ALA A 179 -14.33 -12.88 -5.36
C ALA A 179 -15.38 -13.25 -4.31
N SER A 180 -15.03 -13.97 -3.26
CA SER A 180 -16.05 -14.30 -2.26
C SER A 180 -16.44 -13.06 -1.49
N LEU A 181 -15.49 -12.16 -1.30
CA LEU A 181 -15.79 -10.94 -0.52
C LEU A 181 -16.74 -10.04 -1.29
N GLU A 182 -16.38 -9.86 -2.56
CA GLU A 182 -17.23 -9.04 -3.42
C GLU A 182 -18.66 -9.54 -3.34
N ALA A 183 -18.83 -10.85 -3.48
CA ALA A 183 -20.17 -11.43 -3.48
C ALA A 183 -20.81 -11.35 -2.08
N TYR A 184 -20.02 -11.44 -1.02
CA TYR A 184 -20.58 -11.20 0.31
C TYR A 184 -21.09 -9.77 0.50
N CYS A 185 -20.38 -8.80 -0.05
CA CYS A 185 -20.70 -7.39 0.13
C CYS A 185 -21.98 -7.11 -0.65
N LYS A 186 -22.01 -7.46 -1.94
CA LYS A 186 -23.17 -7.20 -2.78
C LYS A 186 -24.50 -7.78 -2.27
N HIS A 187 -24.41 -8.89 -1.54
CA HIS A 187 -25.54 -9.62 -0.97
C HIS A 187 -25.96 -9.02 0.38
N LYS A 188 -25.00 -8.82 1.27
CA LYS A 188 -25.25 -8.30 2.61
C LYS A 188 -25.46 -6.79 2.69
N TYR A 189 -24.81 -6.03 1.81
CA TYR A 189 -24.92 -4.56 1.81
C TYR A 189 -25.21 -4.11 0.38
N PRO A 190 -26.35 -4.55 -0.16
CA PRO A 190 -26.66 -4.21 -1.54
C PRO A 190 -26.92 -2.74 -1.78
N GLU A 191 -27.16 -1.97 -0.73
CA GLU A 191 -27.36 -0.53 -0.96
C GLU A 191 -26.06 0.24 -1.20
N GLN A 192 -24.94 -0.40 -0.88
CA GLN A 192 -23.61 0.20 -0.89
C GLN A 192 -22.77 -0.37 -2.01
N PRO A 193 -22.99 0.07 -3.25
CA PRO A 193 -22.19 -0.48 -4.36
C PRO A 193 -20.67 -0.27 -4.36
N GLY A 194 -20.24 0.63 -3.51
CA GLY A 194 -18.83 1.03 -3.49
C GLY A 194 -18.12 0.25 -2.40
N ARG A 195 -18.81 -0.56 -1.60
CA ARG A 195 -18.27 -0.94 -0.29
C ARG A 195 -17.04 -1.80 -0.41
N PHE A 196 -17.13 -2.71 -1.37
CA PHE A 196 -16.06 -3.62 -1.76
C PHE A 196 -14.75 -2.91 -2.10
N ALA A 197 -14.80 -2.00 -3.06
CA ALA A 197 -13.68 -1.15 -3.41
C ALA A 197 -13.08 -0.41 -2.20
N LYS A 198 -13.99 0.12 -1.40
CA LYS A 198 -13.61 0.85 -0.23
C LYS A 198 -12.82 0.01 0.77
N LEU A 199 -13.25 -1.24 0.90
CA LEU A 199 -12.55 -2.17 1.75
C LEU A 199 -11.12 -2.43 1.28
N LEU A 200 -10.95 -2.69 0.00
CA LEU A 200 -9.63 -2.89 -0.62
C LEU A 200 -8.72 -1.66 -0.62
N LEU A 201 -9.38 -0.51 -0.65
CA LEU A 201 -8.64 0.74 -0.63
C LEU A 201 -8.15 1.12 0.76
N ARG A 202 -8.39 0.30 1.79
CA ARG A 202 -7.66 0.46 3.03
C ARG A 202 -6.33 -0.25 3.00
N LEU A 203 -6.09 -1.13 2.03
CA LEU A 203 -4.88 -1.91 2.03
C LEU A 203 -3.60 -1.13 1.76
N PRO A 204 -3.67 0.00 1.05
CA PRO A 204 -2.44 0.78 0.90
C PRO A 204 -2.00 1.46 2.22
N ALA A 205 -2.95 2.05 2.92
CA ALA A 205 -2.64 2.59 4.24
C ALA A 205 -2.10 1.52 5.20
N LEU A 206 -2.68 0.33 5.16
CA LEU A 206 -2.24 -0.78 5.98
C LEU A 206 -0.80 -1.15 5.67
N ARG A 207 -0.51 -1.26 4.37
CA ARG A 207 0.84 -1.55 3.94
C ARG A 207 1.75 -0.47 4.52
N SER A 208 1.45 0.82 4.40
CA SER A 208 2.46 1.80 4.81
C SER A 208 2.53 1.84 6.34
N ILE A 209 1.39 1.76 7.02
CA ILE A 209 1.45 1.73 8.46
C ILE A 209 2.27 0.54 8.95
N GLY A 210 2.15 -0.61 8.27
CA GLY A 210 2.97 -1.75 8.70
C GLY A 210 4.47 -1.57 8.61
N LEU A 211 4.86 -0.96 7.50
CA LEU A 211 6.25 -0.67 7.27
C LEU A 211 6.75 0.35 8.27
N LYS A 212 5.97 1.41 8.50
CA LYS A 212 6.45 2.45 9.39
C LYS A 212 6.56 1.94 10.85
N CYS A 213 5.66 1.07 11.25
CA CYS A 213 5.76 0.39 12.54
C CYS A 213 6.95 -0.55 12.64
N LEU A 214 7.29 -1.27 11.58
CA LEU A 214 8.51 -2.08 11.57
C LEU A 214 9.77 -1.21 11.74
N GLU A 215 9.84 -0.06 11.11
CA GLU A 215 11.01 0.80 11.27
C GLU A 215 11.13 1.21 12.72
N HIS A 216 10.02 1.48 13.42
CA HIS A 216 10.12 1.82 14.85
C HIS A 216 10.65 0.62 15.61
N LEU A 217 10.18 -0.59 15.32
CA LEU A 217 10.60 -1.76 16.05
C LEU A 217 12.08 -2.04 15.87
N PHE A 218 12.60 -1.89 14.64
CA PHE A 218 14.01 -2.10 14.36
C PHE A 218 14.82 -1.11 15.17
N PHE A 219 14.28 0.09 15.31
CA PHE A 219 14.88 1.10 16.15
C PHE A 219 14.83 0.80 17.63
N PHE A 220 13.71 0.30 18.14
CA PHE A 220 13.70 -0.12 19.55
C PHE A 220 14.73 -1.20 19.84
N LYS A 221 14.82 -2.14 18.91
CA LYS A 221 15.79 -3.23 19.00
C LYS A 221 17.20 -2.69 19.06
N LEU A 222 17.50 -1.78 18.14
CA LEU A 222 18.78 -1.12 18.08
C LEU A 222 19.08 -0.39 19.38
N ILE A 223 18.24 0.52 19.84
CA ILE A 223 18.62 1.31 21.00
C ILE A 223 18.67 0.35 22.18
N GLY A 224 17.83 -0.68 22.19
CA GLY A 224 17.97 -1.80 23.10
C GLY A 224 17.33 -1.44 24.44
N ASP A 225 16.55 -0.37 24.46
CA ASP A 225 15.86 0.01 25.67
C ASP A 225 14.77 -1.02 25.96
N THR A 226 13.83 -1.10 25.04
CA THR A 226 12.51 -1.72 25.20
C THR A 226 12.60 -3.25 25.08
N PRO A 227 12.02 -4.00 26.03
CA PRO A 227 11.95 -5.44 25.89
C PRO A 227 11.15 -5.86 24.65
N ILE A 228 11.75 -6.79 23.95
CA ILE A 228 11.15 -7.46 22.82
C ILE A 228 11.24 -8.96 23.05
N ASP A 229 10.09 -9.59 23.20
CA ASP A 229 9.95 -11.01 23.48
C ASP A 229 10.38 -11.89 22.31
N THR A 230 10.42 -13.22 22.45
CA THR A 230 11.12 -14.04 21.45
C THR A 230 10.49 -14.15 20.04
N PHE A 231 9.17 -14.14 19.94
CA PHE A 231 8.67 -14.38 18.60
C PHE A 231 8.73 -13.07 17.82
N LEU A 232 8.38 -11.98 18.48
CA LEU A 232 8.56 -10.65 17.91
C LEU A 232 9.97 -10.49 17.36
N MET A 233 10.94 -10.82 18.20
CA MET A 233 12.34 -10.71 17.83
C MET A 233 12.66 -11.58 16.62
N GLU A 234 12.19 -12.82 16.64
CA GLU A 234 12.39 -13.68 15.49
C GLU A 234 11.82 -13.10 14.20
N MET A 235 10.72 -12.36 14.31
CA MET A 235 10.10 -11.75 13.13
C MET A 235 10.96 -10.63 12.59
N LEU A 236 11.82 -10.11 13.45
CA LEU A 236 12.71 -9.02 13.12
C LEU A 236 14.07 -9.47 12.64
N GLU A 237 14.31 -10.76 12.57
CA GLU A 237 15.51 -11.27 11.96
C GLU A 237 15.47 -11.12 10.45
N ALA A 238 16.68 -11.04 9.93
CA ALA A 238 16.92 -11.19 8.51
C ALA A 238 16.46 -12.59 8.03
N PRO A 239 15.88 -12.74 6.82
CA PRO A 239 15.55 -14.04 6.21
C PRO A 239 16.62 -15.17 6.16
N HIS A 240 16.21 -16.43 6.10
CA HIS A 240 17.01 -17.60 6.51
C HIS A 240 17.43 -17.63 7.99
N ASP B 10 -19.68 14.68 -11.62
CA ASP B 10 -19.39 13.56 -12.56
C ASP B 10 -17.87 13.36 -12.66
N MET B 11 -17.38 12.24 -13.21
CA MET B 11 -15.95 11.92 -13.32
C MET B 11 -15.76 10.97 -14.52
N PRO B 12 -15.73 11.51 -15.74
CA PRO B 12 -15.71 10.63 -16.90
C PRO B 12 -14.30 10.17 -17.28
N VAL B 13 -14.23 8.87 -17.49
CA VAL B 13 -13.01 8.18 -17.82
C VAL B 13 -12.39 8.76 -19.10
N GLU B 14 -13.24 9.29 -19.98
CA GLU B 14 -12.78 9.90 -21.22
C GLU B 14 -11.88 11.07 -20.87
N ARG B 15 -12.20 11.86 -19.85
CA ARG B 15 -11.33 12.98 -19.48
C ARG B 15 -9.99 12.59 -18.84
N ILE B 16 -10.03 11.49 -18.08
CA ILE B 16 -8.86 10.95 -17.39
C ILE B 16 -7.87 10.48 -18.44
N LEU B 17 -8.43 9.73 -19.40
CA LEU B 17 -7.62 9.23 -20.50
C LEU B 17 -6.92 10.34 -21.30
N GLU B 18 -7.66 11.37 -21.67
CA GLU B 18 -7.04 12.53 -22.33
C GLU B 18 -5.96 13.16 -21.46
N ALA B 19 -6.14 13.08 -20.15
CA ALA B 19 -5.09 13.55 -19.25
C ALA B 19 -3.77 12.83 -19.50
N GLU B 20 -3.88 11.52 -19.47
CA GLU B 20 -2.79 10.63 -19.86
C GLU B 20 -2.21 10.97 -21.22
N LEU B 21 -3.08 11.07 -22.23
CA LEU B 21 -2.55 11.08 -23.61
C LEU B 21 -1.90 12.44 -23.79
N ALA B 22 -2.46 13.42 -23.10
CA ALA B 22 -1.91 14.77 -23.20
C ALA B 22 -0.46 14.92 -22.76
N VAL B 23 -0.02 14.15 -21.77
CA VAL B 23 1.28 14.44 -21.17
C VAL B 23 2.41 13.49 -21.55
N GLU B 24 2.11 12.43 -22.31
CA GLU B 24 3.11 11.51 -22.86
C GLU B 24 4.19 12.17 -23.70
N PRO B 25 5.43 11.69 -23.47
CA PRO B 25 6.54 12.27 -24.22
C PRO B 25 6.68 11.84 -25.68
N PRO B 42 29.04 10.44 -17.57
CA PRO B 42 27.67 10.32 -18.08
C PRO B 42 26.88 9.03 -17.76
N ASN B 43 27.52 7.94 -17.35
CA ASN B 43 26.85 6.69 -16.99
C ASN B 43 26.98 6.22 -15.53
N ASP B 44 26.38 6.96 -14.61
CA ASP B 44 25.72 6.34 -13.46
C ASP B 44 24.28 6.26 -13.95
N PRO B 45 23.73 5.03 -14.04
CA PRO B 45 22.36 4.85 -14.51
C PRO B 45 21.39 5.60 -13.59
N VAL B 46 21.75 5.74 -12.32
CA VAL B 46 20.94 6.44 -11.34
C VAL B 46 20.82 7.93 -11.61
N THR B 47 21.89 8.57 -12.06
CA THR B 47 21.73 10.00 -12.26
C THR B 47 20.78 10.23 -13.44
N ASN B 48 20.78 9.35 -14.44
CA ASN B 48 19.80 9.46 -15.51
C ASN B 48 18.40 9.18 -14.98
N ILE B 49 18.30 8.25 -14.06
CA ILE B 49 16.97 7.93 -13.55
C ILE B 49 16.41 9.13 -12.81
N CYS B 50 17.27 9.81 -12.05
CA CYS B 50 16.95 11.00 -11.26
C CYS B 50 16.72 12.25 -12.10
N GLN B 51 17.34 12.43 -13.27
CA GLN B 51 16.98 13.55 -14.16
C GLN B 51 15.59 13.39 -14.75
N ALA B 52 15.32 12.18 -15.26
CA ALA B 52 13.99 11.81 -15.72
C ALA B 52 12.92 12.09 -14.65
N ALA B 53 13.21 11.87 -13.37
CA ALA B 53 12.12 11.97 -12.40
C ALA B 53 11.86 13.47 -12.29
N ASP B 54 12.95 14.25 -12.29
CA ASP B 54 12.84 15.70 -12.06
C ASP B 54 12.03 16.30 -13.21
N LYS B 55 12.34 15.86 -14.43
CA LYS B 55 11.68 16.31 -15.65
C LYS B 55 10.18 16.02 -15.60
N GLN B 56 9.83 14.83 -15.12
CA GLN B 56 8.46 14.41 -15.17
C GLN B 56 7.73 14.97 -13.98
N LEU B 57 8.39 15.44 -12.93
CA LEU B 57 7.62 16.27 -12.00
C LEU B 57 6.93 17.51 -12.58
N PHE B 58 7.48 18.15 -13.60
CA PHE B 58 6.81 19.29 -14.26
C PHE B 58 5.55 18.79 -15.00
N THR B 59 5.66 17.63 -15.60
CA THR B 59 4.58 17.12 -16.44
C THR B 59 3.47 16.55 -15.56
N LEU B 60 3.89 16.04 -14.43
CA LEU B 60 2.92 15.61 -13.44
C LEU B 60 1.96 16.76 -13.07
N VAL B 61 2.47 17.97 -12.90
CA VAL B 61 1.63 19.12 -12.60
C VAL B 61 0.61 19.33 -13.69
N GLU B 62 1.06 19.34 -14.94
CA GLU B 62 0.11 19.47 -16.06
C GLU B 62 -0.96 18.39 -16.07
N TRP B 63 -0.58 17.18 -15.68
CA TRP B 63 -1.47 16.02 -15.75
C TRP B 63 -2.51 16.25 -14.69
N ALA B 64 -2.04 16.60 -13.49
CA ALA B 64 -2.95 16.75 -12.36
C ALA B 64 -4.07 17.72 -12.70
N LYS B 65 -3.68 18.86 -13.27
CA LYS B 65 -4.61 19.95 -13.63
C LYS B 65 -5.70 19.61 -14.64
N ARG B 66 -5.44 18.59 -15.47
CA ARG B 66 -6.47 18.06 -16.38
C ARG B 66 -7.36 16.96 -15.83
N ILE B 67 -7.18 16.57 -14.58
CA ILE B 67 -8.03 15.57 -13.94
C ILE B 67 -9.22 16.37 -13.40
N PRO B 68 -10.44 15.85 -13.60
CA PRO B 68 -11.56 16.71 -13.24
C PRO B 68 -11.65 16.99 -11.75
N HIS B 69 -11.98 18.25 -11.47
CA HIS B 69 -12.13 18.77 -10.14
C HIS B 69 -10.82 18.99 -9.36
N PHE B 70 -9.67 18.56 -9.84
CA PHE B 70 -8.45 18.79 -9.05
C PHE B 70 -8.14 20.28 -8.89
N SER B 71 -8.24 20.99 -10.00
CA SER B 71 -7.90 22.41 -10.02
C SER B 71 -8.87 23.27 -9.23
N GLU B 72 -10.06 22.74 -8.94
CA GLU B 72 -11.04 23.42 -8.13
C GLU B 72 -10.73 23.31 -6.65
N LEU B 73 -9.95 22.30 -6.26
CA LEU B 73 -9.60 22.23 -4.87
C LEU B 73 -8.76 23.43 -4.41
N PRO B 74 -8.79 23.72 -3.11
CA PRO B 74 -7.93 24.79 -2.65
C PRO B 74 -6.46 24.52 -2.96
N LEU B 75 -5.75 25.58 -3.33
CA LEU B 75 -4.36 25.49 -3.72
C LEU B 75 -3.54 24.72 -2.67
N ASP B 76 -3.69 24.96 -1.37
CA ASP B 76 -2.90 24.22 -0.38
C ASP B 76 -3.18 22.72 -0.47
N ASP B 77 -4.41 22.33 -0.76
CA ASP B 77 -4.77 20.93 -0.87
C ASP B 77 -4.16 20.31 -2.12
N GLN B 78 -4.12 21.05 -3.21
CA GLN B 78 -3.52 20.62 -4.45
C GLN B 78 -2.07 20.27 -4.17
N VAL B 79 -1.42 21.12 -3.37
CA VAL B 79 -0.04 20.95 -2.98
C VAL B 79 0.15 19.71 -2.12
N ILE B 80 -0.73 19.53 -1.15
CA ILE B 80 -0.61 18.38 -0.25
C ILE B 80 -0.68 17.06 -0.99
N LEU B 81 -1.61 16.97 -1.93
CA LEU B 81 -1.87 15.76 -2.67
C LEU B 81 -0.72 15.39 -3.58
N LEU B 82 -0.17 16.41 -4.21
CA LEU B 82 0.95 16.19 -5.13
C LEU B 82 2.23 15.83 -4.37
N ARG B 83 2.45 16.52 -3.25
CA ARG B 83 3.61 16.20 -2.41
C ARG B 83 3.54 14.82 -1.75
N ALA B 84 2.36 14.36 -1.36
CA ALA B 84 2.20 13.00 -0.91
C ALA B 84 2.23 11.98 -2.04
N GLY B 85 1.63 12.24 -3.18
CA GLY B 85 1.52 11.20 -4.21
C GLY B 85 2.50 11.12 -5.36
N TRP B 86 3.36 12.14 -5.52
CA TRP B 86 4.11 12.30 -6.76
C TRP B 86 4.88 11.05 -7.15
N ASN B 87 5.53 10.45 -6.16
CA ASN B 87 6.32 9.29 -6.49
C ASN B 87 5.55 8.05 -6.93
N GLU B 88 4.46 7.76 -6.23
CA GLU B 88 3.54 6.75 -6.65
C GLU B 88 2.99 7.11 -8.04
N LEU B 89 2.62 8.36 -8.27
CA LEU B 89 1.97 8.76 -9.49
C LEU B 89 2.92 8.51 -10.64
N LEU B 90 4.17 8.79 -10.36
CA LEU B 90 5.14 8.78 -11.43
C LEU B 90 5.76 7.40 -11.56
N ILE B 91 5.88 6.64 -10.47
CA ILE B 91 6.31 5.26 -10.67
C ILE B 91 5.22 4.49 -11.44
N ALA B 92 3.96 4.82 -11.23
CA ALA B 92 2.93 4.17 -12.04
C ALA B 92 3.09 4.45 -13.52
N SER B 93 3.46 5.67 -13.93
CA SER B 93 3.53 6.03 -15.35
C SER B 93 4.71 5.37 -16.03
N PHE B 94 5.91 5.43 -15.48
CA PHE B 94 7.03 4.87 -16.23
C PHE B 94 6.97 3.33 -16.25
N SER B 95 6.43 2.74 -15.19
CA SER B 95 6.17 1.30 -15.21
C SER B 95 5.24 0.93 -16.38
N HIS B 96 4.15 1.64 -16.55
CA HIS B 96 3.21 1.28 -17.60
C HIS B 96 3.80 1.49 -19.00
N ARG B 97 4.56 2.56 -19.18
CA ARG B 97 5.35 2.75 -20.39
C ARG B 97 6.27 1.57 -20.68
N SER B 98 6.85 0.98 -19.64
CA SER B 98 7.82 -0.10 -19.80
C SER B 98 7.25 -1.51 -20.06
N ILE B 99 5.94 -1.65 -20.17
CA ILE B 99 5.36 -2.96 -20.41
C ILE B 99 5.95 -3.77 -21.57
N ALA B 100 6.34 -3.09 -22.64
CA ALA B 100 6.91 -3.79 -23.80
C ALA B 100 8.43 -3.97 -23.71
N VAL B 101 9.04 -3.54 -22.63
CA VAL B 101 10.48 -3.61 -22.43
C VAL B 101 10.68 -4.93 -21.70
N LYS B 102 11.64 -5.71 -22.16
CA LYS B 102 12.08 -6.91 -21.46
C LYS B 102 13.08 -6.53 -20.35
N ASP B 103 12.78 -6.90 -19.11
CA ASP B 103 13.68 -6.76 -17.97
C ASP B 103 14.32 -5.38 -17.84
N GLY B 104 13.50 -4.35 -18.06
CA GLY B 104 14.01 -2.99 -17.93
C GLY B 104 12.86 -2.01 -17.91
N ILE B 105 13.31 -0.76 -18.02
CA ILE B 105 12.49 0.43 -17.82
C ILE B 105 12.80 1.37 -18.97
N LEU B 106 11.75 2.02 -19.47
CA LEU B 106 11.88 3.09 -20.44
C LEU B 106 11.62 4.43 -19.74
N LEU B 107 12.64 5.28 -19.66
CA LEU B 107 12.54 6.61 -19.06
C LEU B 107 11.96 7.58 -20.08
N ALA B 108 11.22 8.58 -19.60
CA ALA B 108 10.61 9.65 -20.40
C ALA B 108 11.57 10.42 -21.34
N THR B 109 12.85 10.44 -20.97
CA THR B 109 13.93 10.84 -21.87
C THR B 109 14.12 10.00 -23.14
N GLY B 110 13.49 8.83 -23.29
CA GLY B 110 13.90 7.90 -24.35
C GLY B 110 14.91 6.83 -23.95
N LEU B 111 15.69 7.06 -22.88
CA LEU B 111 16.63 6.03 -22.42
C LEU B 111 16.00 4.75 -21.84
N HIS B 112 16.37 3.58 -22.36
CA HIS B 112 16.06 2.27 -21.79
C HIS B 112 17.15 1.89 -20.78
N VAL B 113 16.71 1.50 -19.60
CA VAL B 113 17.62 1.12 -18.55
C VAL B 113 17.27 -0.34 -18.25
N HIS B 114 18.21 -1.25 -18.48
CA HIS B 114 18.03 -2.68 -18.22
C HIS B 114 18.35 -3.05 -16.77
N ARG B 115 17.70 -4.11 -16.29
CA ARG B 115 18.02 -4.49 -14.91
C ARG B 115 19.48 -4.79 -14.54
N ASN B 116 20.26 -5.26 -15.49
CA ASN B 116 21.71 -5.49 -15.25
C ASN B 116 22.41 -4.20 -14.88
N SER B 117 21.99 -3.12 -15.53
CA SER B 117 22.69 -1.88 -15.31
C SER B 117 22.24 -1.39 -13.93
N ALA B 118 20.99 -1.55 -13.50
CA ALA B 118 20.54 -1.19 -12.14
C ALA B 118 21.21 -2.00 -11.03
N HIS B 119 21.35 -3.29 -11.30
CA HIS B 119 22.14 -4.14 -10.42
C HIS B 119 23.57 -3.66 -10.30
N SER B 120 24.25 -3.52 -11.42
CA SER B 120 25.60 -3.01 -11.45
C SER B 120 25.83 -1.66 -10.75
N ALA B 121 24.79 -0.84 -10.62
CA ALA B 121 24.83 0.41 -9.86
C ALA B 121 24.33 0.40 -8.44
N GLY B 122 24.01 -0.77 -7.90
CA GLY B 122 23.68 -0.91 -6.50
C GLY B 122 22.22 -0.74 -6.11
N VAL B 123 21.29 -0.83 -7.05
CA VAL B 123 19.88 -0.69 -6.76
C VAL B 123 19.03 -1.77 -7.46
N GLY B 124 19.62 -2.94 -7.62
CA GLY B 124 18.99 -4.05 -8.36
C GLY B 124 17.73 -4.55 -7.68
N ALA B 125 17.73 -4.65 -6.35
CA ALA B 125 16.58 -5.20 -5.60
C ALA B 125 15.33 -4.36 -5.82
N ILE B 126 15.46 -3.06 -5.56
CA ILE B 126 14.34 -2.14 -5.77
C ILE B 126 13.83 -2.08 -7.25
N PHE B 127 14.79 -2.12 -8.15
CA PHE B 127 14.47 -2.19 -9.56
C PHE B 127 13.72 -3.45 -9.93
N ASP B 128 14.16 -4.59 -9.39
CA ASP B 128 13.40 -5.80 -9.68
C ASP B 128 12.00 -5.78 -9.10
N ARG B 129 11.78 -5.10 -8.00
CA ARG B 129 10.42 -5.07 -7.44
C ARG B 129 9.49 -4.29 -8.36
N VAL B 130 9.96 -3.18 -8.92
CA VAL B 130 9.24 -2.46 -9.98
C VAL B 130 8.88 -3.37 -11.15
N LEU B 131 9.90 -3.98 -11.73
CA LEU B 131 9.69 -5.05 -12.69
C LEU B 131 8.66 -6.08 -12.31
N THR B 132 8.83 -6.76 -11.18
CA THR B 132 8.05 -7.96 -10.90
C THR B 132 6.67 -7.56 -10.35
N GLU B 133 6.57 -6.53 -9.52
CA GLU B 133 5.27 -6.19 -8.92
C GLU B 133 4.37 -5.22 -9.67
N LEU B 134 4.99 -4.49 -10.60
CA LEU B 134 4.32 -3.44 -11.35
C LEU B 134 4.42 -3.72 -12.86
N VAL B 135 5.58 -3.55 -13.49
CA VAL B 135 5.66 -3.60 -14.95
C VAL B 135 5.07 -4.89 -15.47
N SER B 136 5.58 -6.00 -14.98
CA SER B 136 5.20 -7.29 -15.51
C SER B 136 3.75 -7.60 -15.17
N LYS B 137 3.16 -7.07 -14.09
CA LYS B 137 1.76 -7.36 -13.78
C LYS B 137 0.85 -6.50 -14.68
N MET B 138 1.32 -5.31 -15.01
CA MET B 138 0.58 -4.47 -15.93
C MET B 138 0.58 -5.18 -17.28
N ARG B 139 1.70 -5.79 -17.66
CA ARG B 139 1.79 -6.51 -18.92
C ARG B 139 0.86 -7.72 -18.96
N ASP B 140 0.92 -8.53 -17.92
CA ASP B 140 0.13 -9.75 -18.04
C ASP B 140 -1.35 -9.51 -18.14
N MET B 141 -1.86 -8.50 -17.44
CA MET B 141 -3.27 -8.15 -17.55
C MET B 141 -3.57 -7.22 -18.75
N GLN B 142 -2.54 -6.74 -19.44
CA GLN B 142 -2.62 -5.64 -20.39
C GLN B 142 -3.46 -4.46 -19.89
N MET B 143 -3.03 -3.87 -18.78
CA MET B 143 -3.69 -2.71 -18.21
C MET B 143 -3.67 -1.65 -19.28
N ASP B 144 -4.84 -1.05 -19.56
CA ASP B 144 -4.94 -0.06 -20.64
C ASP B 144 -4.81 1.33 -20.00
N LYS B 145 -4.80 2.33 -20.88
CA LYS B 145 -4.37 3.67 -20.51
C LYS B 145 -5.42 4.37 -19.65
N THR B 146 -6.68 4.01 -19.83
CA THR B 146 -7.79 4.56 -19.08
C THR B 146 -7.63 4.01 -17.67
N GLU B 147 -7.36 2.72 -17.65
CA GLU B 147 -7.20 2.05 -16.36
C GLU B 147 -6.05 2.62 -15.53
N LEU B 148 -4.91 2.85 -16.17
CA LEU B 148 -3.77 3.50 -15.56
C LEU B 148 -4.22 4.83 -14.99
N GLY B 149 -4.74 5.65 -15.90
CA GLY B 149 -5.14 6.99 -15.51
C GLY B 149 -6.06 6.98 -14.32
N CYS B 150 -7.09 6.13 -14.30
CA CYS B 150 -7.92 5.97 -13.10
C CYS B 150 -7.18 5.57 -11.82
N LEU B 151 -6.23 4.64 -11.96
CA LEU B 151 -5.38 4.23 -10.84
C LEU B 151 -4.66 5.46 -10.31
N ARG B 152 -4.10 6.21 -11.23
CA ARG B 152 -3.35 7.38 -10.80
C ARG B 152 -4.23 8.47 -10.24
N ALA B 153 -5.42 8.69 -10.78
CA ALA B 153 -6.43 9.54 -10.15
C ALA B 153 -6.80 9.10 -8.74
N ILE B 154 -7.01 7.80 -8.53
CA ILE B 154 -7.25 7.29 -7.19
C ILE B 154 -6.11 7.67 -6.28
N VAL B 155 -4.87 7.51 -6.76
CA VAL B 155 -3.72 7.85 -5.93
C VAL B 155 -3.65 9.33 -5.54
N LEU B 156 -3.91 10.17 -6.53
CA LEU B 156 -3.89 11.63 -6.43
C LEU B 156 -4.91 12.04 -5.41
N PHE B 157 -6.12 11.48 -5.51
CA PHE B 157 -7.18 11.80 -4.57
C PHE B 157 -7.09 10.95 -3.32
N ASN B 158 -6.00 11.17 -2.61
CA ASN B 158 -5.72 10.40 -1.41
C ASN B 158 -6.24 11.10 -0.18
N PRO B 159 -7.41 10.71 0.36
CA PRO B 159 -8.00 11.43 1.46
C PRO B 159 -7.28 11.27 2.78
N ASP B 160 -6.34 10.33 2.91
CA ASP B 160 -5.53 10.18 4.12
C ASP B 160 -4.35 11.15 4.13
N SER B 161 -4.17 11.93 3.07
CA SER B 161 -3.03 12.84 3.04
C SER B 161 -3.15 13.82 4.23
N LYS B 162 -2.09 14.04 4.99
CA LYS B 162 -2.20 14.95 6.12
C LYS B 162 -2.38 16.43 5.75
N GLY B 163 -3.17 17.16 6.53
CA GLY B 163 -3.27 18.61 6.48
C GLY B 163 -4.36 19.06 5.50
N LEU B 164 -4.98 18.14 4.79
CA LEU B 164 -6.05 18.53 3.87
C LEU B 164 -7.10 19.39 4.57
N SER B 165 -7.51 20.47 3.92
CA SER B 165 -8.54 21.31 4.56
C SER B 165 -9.84 20.53 4.65
N ASN B 166 -10.19 19.71 3.65
CA ASN B 166 -11.41 18.90 3.70
C ASN B 166 -11.25 17.51 3.10
N PRO B 167 -10.89 16.54 3.94
CA PRO B 167 -10.70 15.15 3.52
C PRO B 167 -11.87 14.45 2.82
N ALA B 168 -13.10 14.87 3.16
CA ALA B 168 -14.33 14.25 2.71
C ALA B 168 -14.50 14.49 1.22
N GLU B 169 -14.07 15.68 0.81
CA GLU B 169 -14.33 16.09 -0.57
C GLU B 169 -13.35 15.31 -1.43
N VAL B 170 -12.14 15.12 -0.91
CA VAL B 170 -11.14 14.36 -1.66
C VAL B 170 -11.54 12.89 -1.75
N GLU B 171 -11.99 12.34 -0.64
CA GLU B 171 -12.53 11.01 -0.59
C GLU B 171 -13.66 10.85 -1.59
N ALA B 172 -14.48 11.90 -1.74
CA ALA B 172 -15.63 11.85 -2.63
C ALA B 172 -15.20 11.82 -4.10
N LEU B 173 -14.14 12.58 -4.40
CA LEU B 173 -13.54 12.54 -5.74
C LEU B 173 -12.96 11.18 -6.05
N ARG B 174 -12.23 10.63 -5.08
CA ARG B 174 -11.79 9.23 -5.17
C ARG B 174 -12.91 8.22 -5.43
N GLU B 175 -13.96 8.32 -4.64
CA GLU B 175 -15.11 7.43 -4.77
C GLU B 175 -15.64 7.53 -6.19
N LYS B 176 -15.83 8.75 -6.68
CA LYS B 176 -16.24 8.88 -8.08
C LYS B 176 -15.26 8.30 -9.12
N VAL B 177 -13.96 8.44 -8.87
CA VAL B 177 -13.00 7.82 -9.80
C VAL B 177 -13.21 6.30 -9.81
N TYR B 178 -13.27 5.73 -8.62
CA TYR B 178 -13.40 4.28 -8.64
C TYR B 178 -14.73 3.72 -9.09
N ALA B 179 -15.79 4.51 -8.99
CA ALA B 179 -17.05 4.04 -9.58
C ALA B 179 -16.98 4.13 -11.10
N SER B 180 -16.37 5.17 -11.67
CA SER B 180 -16.25 5.20 -13.12
C SER B 180 -15.33 4.10 -13.63
N LEU B 181 -14.29 3.77 -12.87
CA LEU B 181 -13.43 2.67 -13.32
C LEU B 181 -14.13 1.31 -13.34
N GLU B 182 -14.79 1.03 -12.22
CA GLU B 182 -15.50 -0.23 -12.14
C GLU B 182 -16.41 -0.37 -13.37
N ALA B 183 -17.11 0.69 -13.73
CA ALA B 183 -18.05 0.67 -14.85
C ALA B 183 -17.37 0.57 -16.20
N TYR B 184 -16.24 1.27 -16.35
CA TYR B 184 -15.41 1.08 -17.51
C TYR B 184 -14.95 -0.37 -17.66
N CYS B 185 -14.56 -1.00 -16.56
CA CYS B 185 -14.02 -2.34 -16.61
C CYS B 185 -15.15 -3.31 -16.99
N LYS B 186 -16.28 -3.24 -16.30
CA LYS B 186 -17.42 -4.11 -16.59
C LYS B 186 -17.97 -4.10 -18.02
N HIS B 187 -17.92 -2.93 -18.65
CA HIS B 187 -18.40 -2.68 -20.00
C HIS B 187 -17.37 -3.20 -21.00
N LYS B 188 -16.10 -2.84 -20.79
CA LYS B 188 -15.04 -3.12 -21.73
C LYS B 188 -14.47 -4.54 -21.61
N TYR B 189 -14.37 -5.03 -20.38
CA TYR B 189 -13.89 -6.39 -20.13
C TYR B 189 -14.92 -7.21 -19.33
N PRO B 190 -16.07 -7.44 -20.00
CA PRO B 190 -17.15 -8.08 -19.27
C PRO B 190 -16.84 -9.53 -18.95
N GLU B 191 -15.87 -10.09 -19.66
CA GLU B 191 -15.49 -11.48 -19.41
C GLU B 191 -14.57 -11.67 -18.22
N GLN B 192 -14.06 -10.57 -17.64
CA GLN B 192 -13.14 -10.57 -16.50
C GLN B 192 -13.74 -9.87 -15.29
N PRO B 193 -14.60 -10.57 -14.55
CA PRO B 193 -15.22 -9.92 -13.39
C PRO B 193 -14.30 -9.56 -12.21
N GLY B 194 -13.08 -10.07 -12.31
CA GLY B 194 -12.09 -9.82 -11.28
C GLY B 194 -11.28 -8.60 -11.61
N ARG B 195 -11.37 -8.05 -12.82
CA ARG B 195 -10.32 -7.14 -13.30
C ARG B 195 -10.17 -5.87 -12.48
N PHE B 196 -11.30 -5.37 -12.03
CA PHE B 196 -11.41 -4.16 -11.21
C PHE B 196 -10.65 -4.25 -9.88
N ALA B 197 -10.96 -5.28 -9.12
CA ALA B 197 -10.28 -5.62 -7.91
C ALA B 197 -8.77 -5.77 -8.09
N LYS B 198 -8.43 -6.47 -9.16
CA LYS B 198 -7.05 -6.75 -9.49
C LYS B 198 -6.27 -5.45 -9.74
N LEU B 199 -6.92 -4.50 -10.40
CA LEU B 199 -6.28 -3.23 -10.66
C LEU B 199 -6.00 -2.47 -9.36
N LEU B 200 -6.99 -2.39 -8.49
CA LEU B 200 -6.86 -1.80 -7.15
C LEU B 200 -5.86 -2.48 -6.22
N LEU B 201 -5.68 -3.77 -6.48
CA LEU B 201 -4.75 -4.55 -5.69
C LEU B 201 -3.31 -4.49 -6.12
N ARG B 202 -2.99 -3.66 -7.12
CA ARG B 202 -1.63 -3.18 -7.31
C ARG B 202 -1.29 -1.97 -6.44
N LEU B 203 -2.27 -1.30 -5.83
CA LEU B 203 -1.98 -0.08 -5.06
C LEU B 203 -1.13 -0.31 -3.81
N PRO B 204 -1.22 -1.49 -3.21
CA PRO B 204 -0.34 -1.68 -2.05
C PRO B 204 1.15 -1.81 -2.45
N ALA B 205 1.42 -2.59 -3.48
CA ALA B 205 2.78 -2.65 -3.99
C ALA B 205 3.35 -1.28 -4.43
N LEU B 206 2.51 -0.50 -5.08
CA LEU B 206 2.86 0.83 -5.53
C LEU B 206 3.22 1.70 -4.34
N ARG B 207 2.37 1.66 -3.31
CA ARG B 207 2.69 2.33 -2.07
C ARG B 207 4.05 1.90 -1.57
N SER B 208 4.37 0.61 -1.41
CA SER B 208 5.62 0.26 -0.74
C SER B 208 6.79 0.56 -1.67
N ILE B 209 6.62 0.30 -2.96
CA ILE B 209 7.70 0.68 -3.86
C ILE B 209 8.00 2.18 -3.84
N GLY B 210 6.98 3.02 -3.69
CA GLY B 210 7.26 4.45 -3.63
C GLY B 210 8.05 4.89 -2.40
N LEU B 211 7.66 4.30 -1.28
CA LEU B 211 8.38 4.57 -0.04
C LEU B 211 9.81 4.03 -0.11
N LYS B 212 9.97 2.83 -0.63
CA LYS B 212 11.33 2.29 -0.73
C LYS B 212 12.25 3.09 -1.68
N CYS B 213 11.68 3.55 -2.79
CA CYS B 213 12.36 4.51 -3.63
C CYS B 213 12.70 5.83 -2.95
N LEU B 214 11.76 6.37 -2.20
CA LEU B 214 12.03 7.62 -1.48
C LEU B 214 13.22 7.49 -0.53
N GLU B 215 13.31 6.40 0.20
CA GLU B 215 14.39 6.12 1.15
C GLU B 215 15.70 6.07 0.35
N HIS B 216 15.70 5.47 -0.84
CA HIS B 216 16.93 5.55 -1.67
C HIS B 216 17.26 7.00 -1.95
N LEU B 217 16.29 7.78 -2.41
CA LEU B 217 16.57 9.16 -2.78
C LEU B 217 17.13 9.98 -1.62
N PHE B 218 16.58 9.80 -0.42
CA PHE B 218 17.01 10.47 0.79
C PHE B 218 18.46 10.14 1.09
N PHE B 219 18.79 8.89 0.80
CA PHE B 219 20.18 8.43 0.90
C PHE B 219 21.09 9.03 -0.14
N PHE B 220 20.64 9.15 -1.38
CA PHE B 220 21.49 9.83 -2.38
C PHE B 220 21.80 11.29 -2.07
N LYS B 221 20.78 12.00 -1.58
CA LYS B 221 20.94 13.37 -1.13
C LYS B 221 21.96 13.49 -0.03
N LEU B 222 21.81 12.61 0.95
CA LEU B 222 22.72 12.52 2.06
C LEU B 222 24.16 12.25 1.62
N ILE B 223 24.46 11.24 0.81
CA ILE B 223 25.84 10.94 0.51
C ILE B 223 26.33 12.01 -0.46
N GLY B 224 25.48 12.49 -1.36
CA GLY B 224 25.76 13.65 -2.18
C GLY B 224 26.58 13.31 -3.41
N ASP B 225 26.63 12.04 -3.82
CA ASP B 225 27.48 11.65 -4.94
C ASP B 225 26.60 11.47 -6.19
N THR B 226 25.37 11.95 -6.14
CA THR B 226 24.39 11.74 -7.20
C THR B 226 23.68 13.08 -7.40
N PRO B 227 23.78 13.69 -8.58
CA PRO B 227 23.07 14.95 -8.84
C PRO B 227 21.55 14.77 -8.73
N ILE B 228 20.96 15.71 -8.02
CA ILE B 228 19.53 15.80 -7.90
C ILE B 228 19.06 17.21 -8.27
N ASP B 229 18.15 17.26 -9.22
CA ASP B 229 17.75 18.55 -9.77
C ASP B 229 16.77 19.26 -8.89
N THR B 230 16.37 20.49 -9.26
CA THR B 230 15.66 21.33 -8.30
C THR B 230 14.28 20.87 -7.88
N PHE B 231 13.50 20.30 -8.81
CA PHE B 231 12.15 20.01 -8.40
C PHE B 231 12.15 18.71 -7.58
N LEU B 232 12.90 17.72 -8.05
CA LEU B 232 13.13 16.50 -7.28
C LEU B 232 13.57 16.82 -5.87
N MET B 233 14.57 17.69 -5.76
CA MET B 233 15.06 18.17 -4.49
C MET B 233 13.97 18.84 -3.66
N GLU B 234 13.17 19.71 -4.27
CA GLU B 234 12.07 20.34 -3.55
C GLU B 234 11.07 19.32 -2.98
N MET B 235 10.85 18.24 -3.72
CA MET B 235 9.93 17.22 -3.25
C MET B 235 10.48 16.45 -2.07
N LEU B 236 11.78 16.53 -1.89
CA LEU B 236 12.49 15.87 -0.80
C LEU B 236 12.68 16.75 0.43
N GLU B 237 12.23 17.99 0.38
CA GLU B 237 12.25 18.86 1.53
C GLU B 237 11.16 18.49 2.52
N ALA B 238 11.42 18.83 3.77
CA ALA B 238 10.41 18.72 4.81
C ALA B 238 9.18 19.61 4.55
N PRO B 239 7.96 19.21 4.97
CA PRO B 239 6.76 20.08 4.86
C PRO B 239 6.68 21.42 5.61
N HIS B 240 5.78 22.34 5.28
CA HIS B 240 5.70 23.54 6.11
C HIS B 240 4.64 23.41 7.20
N HIS C 1 13.35 -18.03 12.22
CA HIS C 1 12.19 -18.87 11.77
C HIS C 1 11.90 -20.16 12.57
N LYS C 2 12.74 -20.49 13.54
CA LYS C 2 12.61 -21.58 14.49
C LYS C 2 11.22 -21.68 15.14
N ILE C 3 10.78 -20.63 15.84
CA ILE C 3 9.52 -20.63 16.55
C ILE C 3 8.38 -20.78 15.54
N LEU C 4 8.45 -20.06 14.44
CA LEU C 4 7.35 -20.08 13.49
C LEU C 4 7.21 -21.48 12.90
N HIS C 5 8.33 -22.11 12.54
CA HIS C 5 8.32 -23.46 12.01
C HIS C 5 7.62 -24.41 13.00
N ARG C 6 8.04 -24.37 14.26
CA ARG C 6 7.50 -25.27 15.27
C ARG C 6 6.01 -25.07 15.38
N LEU C 7 5.54 -23.84 15.28
CA LEU C 7 4.09 -23.62 15.45
C LEU C 7 3.30 -24.08 14.24
N LEU C 8 3.95 -24.02 13.08
CA LEU C 8 3.30 -24.45 11.84
C LEU C 8 3.03 -25.94 11.68
N GLN C 9 3.69 -26.78 12.48
CA GLN C 9 3.17 -28.05 12.99
C GLN C 9 4.30 -28.71 13.77
N HIS D 1 8.36 23.95 -1.50
CA HIS D 1 7.09 24.05 -2.29
C HIS D 1 6.96 25.21 -3.29
N LYS D 2 7.98 26.06 -3.35
CA LYS D 2 8.12 27.19 -4.25
C LYS D 2 7.80 26.85 -5.72
N ILE D 3 8.50 25.85 -6.23
CA ILE D 3 8.42 25.51 -7.64
C ILE D 3 7.02 24.97 -7.90
N LEU D 4 6.55 24.08 -7.02
CA LEU D 4 5.25 23.45 -7.24
C LEU D 4 4.13 24.49 -7.18
N HIS D 5 4.20 25.46 -6.25
CA HIS D 5 3.18 26.49 -6.15
C HIS D 5 3.14 27.24 -7.48
N ARG D 6 4.31 27.61 -8.00
CA ARG D 6 4.42 28.37 -9.25
C ARG D 6 3.78 27.63 -10.40
N LEU D 7 3.99 26.32 -10.46
CA LEU D 7 3.51 25.57 -11.62
C LEU D 7 2.01 25.38 -11.50
N LEU D 8 1.52 25.27 -10.28
CA LEU D 8 0.08 25.18 -10.02
C LEU D 8 -0.71 26.45 -10.32
N GLN D 9 -0.04 27.60 -10.45
CA GLN D 9 -0.57 28.89 -10.91
C GLN D 9 -1.77 28.75 -11.84
N GLU D 10 -1.58 28.06 -12.96
CA GLU D 10 -2.48 28.03 -14.11
C GLU D 10 -1.84 28.83 -15.25
#